data_5ONE
#
_entry.id   5ONE
#
_cell.length_a   86.765
_cell.length_b   86.765
_cell.length_c   77.103
_cell.angle_alpha   90.00
_cell.angle_beta   90.00
_cell.angle_gamma   120.00
#
_symmetry.space_group_name_H-M   'P 32 2 1'
#
loop_
_entity.id
_entity.type
_entity.pdbx_description
1 polymer 'Aurora kinase A'
2 non-polymer 4-(propanoylamino)-~{N}-[4-[(5,8,11-trimethyl-6-oxidanylidene-pyrimido[4,5-b][1,4]benzodiazepin-2-yl)amino]phenyl]benzamide
3 water water
#
_entity_poly.entity_id   1
_entity_poly.type   'polypeptide(L)'
_entity_poly.pdbx_seq_one_letter_code
;GAMESKKRQWALEDFEIGRPLGKGKFGNVYLAREKQSKFILALKVLFKAQLEKAGVEHQLRREVEIQSHLRHPNILRLYG
YFHDATRVYLILEYAPLGTVYRELQKLSKFDEQRTATYITELANALSYCHSKRVIHRDIKPENLLLGSAGELKIADFGWS
VHAPSSRRTTLCGTLDYLPPEMIEGRMHDEKVDLWSLGVLCYEFLVGKPPFEANTYQETYKRISRVEFTFPDFVTEGARD
LISRLLKHNPSQRPMLREVLEHPWITANSSKPSNCQNKESASKQS
;
_entity_poly.pdbx_strand_id   A
#
loop_
_chem_comp.id
_chem_comp.type
_chem_comp.name
_chem_comp.formula
9YQ non-polymer 4-(propanoylamino)-~{N}-[4-[(5,8,11-trimethyl-6-oxidanylidene-pyrimido[4,5-b][1,4]benzodiazepin-2-yl)amino]phenyl]benzamide 'C30 H29 N7 O3'
#
# COMPACT_ATOMS: atom_id res chain seq x y z
N GLN A 9 3.18 18.56 -22.12
CA GLN A 9 1.88 18.36 -22.84
C GLN A 9 1.54 16.87 -22.96
N TRP A 10 0.33 16.50 -22.55
CA TRP A 10 -0.25 15.22 -22.90
C TRP A 10 -1.71 15.44 -23.17
N ALA A 11 -2.27 14.72 -24.14
CA ALA A 11 -3.71 14.73 -24.41
C ALA A 11 -4.27 13.31 -24.53
N LEU A 12 -5.58 13.18 -24.34
CA LEU A 12 -6.27 11.88 -24.37
C LEU A 12 -6.05 11.13 -25.69
N GLU A 13 -6.16 11.86 -26.79
CA GLU A 13 -5.93 11.30 -28.14
C GLU A 13 -4.51 10.74 -28.36
N ASP A 14 -3.59 10.96 -27.43
CA ASP A 14 -2.29 10.30 -27.46
C ASP A 14 -2.31 8.87 -26.93
N PHE A 15 -3.49 8.36 -26.50
CA PHE A 15 -3.58 7.04 -25.89
C PHE A 15 -4.67 6.15 -26.50
N GLU A 16 -4.30 4.93 -26.86
CA GLU A 16 -5.27 3.86 -27.06
C GLU A 16 -5.69 3.35 -25.70
N ILE A 17 -6.98 3.09 -25.54
CA ILE A 17 -7.53 2.56 -24.27
C ILE A 17 -7.88 1.12 -24.47
N GLY A 18 -7.56 0.29 -23.48
CA GLY A 18 -8.03 -1.08 -23.38
C GLY A 18 -8.98 -1.20 -22.21
N ARG A 19 -8.95 -2.34 -21.54
CA ARG A 19 -10.00 -2.67 -20.55
C ARG A 19 -9.88 -1.85 -19.26
N PRO A 20 -10.98 -1.79 -18.48
CA PRO A 20 -10.89 -1.28 -17.12
C PRO A 20 -10.09 -2.22 -16.22
N LEU A 21 -9.04 -1.71 -15.62
CA LEU A 21 -8.30 -2.45 -14.59
C LEU A 21 -8.92 -2.29 -13.21
N GLY A 22 -9.57 -1.15 -12.96
CA GLY A 22 -10.44 -0.99 -11.80
C GLY A 22 -11.47 0.10 -12.01
N LYS A 23 -12.72 -0.17 -11.58
CA LYS A 23 -13.79 0.84 -11.55
C LYS A 23 -13.96 1.38 -10.12
N GLY A 24 -14.05 2.70 -9.98
CA GLY A 24 -14.12 3.36 -8.65
C GLY A 24 -15.05 4.57 -8.60
N LYS A 25 -15.29 5.07 -7.39
CA LYS A 25 -16.26 6.14 -7.15
C LYS A 25 -15.69 7.48 -7.58
N PHE A 26 -14.51 7.81 -7.06
CA PHE A 26 -13.81 9.04 -7.45
C PHE A 26 -13.30 8.95 -8.91
N GLY A 27 -13.07 7.73 -9.41
CA GLY A 27 -12.64 7.55 -10.81
C GLY A 27 -12.34 6.12 -11.21
N ASN A 28 -11.96 5.93 -12.49
CA ASN A 28 -11.66 4.60 -13.08
C ASN A 28 -10.18 4.48 -13.48
N VAL A 29 -9.71 3.24 -13.68
CA VAL A 29 -8.34 2.95 -14.15
C VAL A 29 -8.36 2.05 -15.37
N TYR A 30 -7.70 2.50 -16.44
CA TYR A 30 -7.74 1.80 -17.70
C TYR A 30 -6.36 1.34 -18.12
N LEU A 31 -6.29 0.17 -18.75
CA LEU A 31 -5.11 -0.21 -19.50
C LEU A 31 -4.96 0.76 -20.66
N ALA A 32 -3.73 1.15 -20.98
CA ALA A 32 -3.53 2.10 -22.06
C ALA A 32 -2.14 1.99 -22.71
N ARG A 33 -1.98 2.73 -23.78
CA ARG A 33 -0.79 2.64 -24.61
C ARG A 33 -0.60 3.99 -25.29
N GLU A 34 0.57 4.59 -25.09
CA GLU A 34 0.89 5.81 -25.82
C GLU A 34 1.02 5.45 -27.32
N LYS A 35 0.38 6.24 -28.17
CA LYS A 35 0.24 5.87 -29.61
C LYS A 35 1.56 5.82 -30.38
N GLN A 36 2.47 6.76 -30.12
CA GLN A 36 3.79 6.78 -30.78
C GLN A 36 4.70 5.63 -30.30
N SER A 37 4.90 5.54 -28.98
CA SER A 37 5.88 4.61 -28.43
C SER A 37 5.39 3.15 -28.38
N LYS A 38 4.06 2.96 -28.41
CA LYS A 38 3.42 1.64 -28.25
C LYS A 38 3.60 1.08 -26.81
N PHE A 39 3.88 1.98 -25.85
CA PHE A 39 4.32 1.59 -24.50
C PHE A 39 3.14 1.48 -23.58
N ILE A 40 3.00 0.32 -22.95
CA ILE A 40 1.86 0.02 -22.12
C ILE A 40 1.97 0.77 -20.79
N LEU A 41 0.84 1.26 -20.31
CA LEU A 41 0.75 1.99 -19.07
C LEU A 41 -0.71 1.99 -18.60
N ALA A 42 -1.08 2.87 -17.67
CA ALA A 42 -2.44 2.91 -17.18
C ALA A 42 -2.88 4.34 -17.06
N LEU A 43 -4.16 4.55 -17.29
CA LEU A 43 -4.72 5.86 -17.34
C LEU A 43 -5.82 5.89 -16.30
N LYS A 44 -5.60 6.68 -15.25
CA LYS A 44 -6.60 6.87 -14.19
C LYS A 44 -7.47 8.08 -14.52
N VAL A 45 -8.77 7.86 -14.59
CA VAL A 45 -9.70 8.89 -14.97
C VAL A 45 -10.51 9.28 -13.75
N LEU A 46 -10.27 10.49 -13.23
CA LEU A 46 -11.00 11.02 -12.08
C LEU A 46 -11.98 12.11 -12.52
N PHE A 47 -13.22 12.03 -12.00
CA PHE A 47 -14.30 12.99 -12.34
C PHE A 47 -14.29 14.21 -11.39
N LYS A 48 -14.10 15.40 -11.96
CA LYS A 48 -14.01 16.67 -11.17
C LYS A 48 -15.26 16.95 -10.33
N ALA A 49 -16.41 16.51 -10.84
CA ALA A 49 -17.67 16.58 -10.10
C ALA A 49 -17.49 16.07 -8.67
N GLN A 50 -16.94 14.86 -8.56
CA GLN A 50 -16.83 14.16 -7.27
C GLN A 50 -15.54 14.51 -6.48
N LEU A 51 -14.63 15.27 -7.09
CA LEU A 51 -13.43 15.76 -6.40
C LEU A 51 -13.70 17.04 -5.59
N GLU A 52 -14.43 17.97 -6.20
CA GLU A 52 -14.90 19.18 -5.51
C GLU A 52 -16.00 18.87 -4.48
N LYS A 53 -16.83 17.85 -4.76
CA LYS A 53 -17.81 17.34 -3.79
C LYS A 53 -17.20 16.48 -2.67
N ALA A 54 -15.87 16.50 -2.51
CA ALA A 54 -15.22 16.13 -1.24
C ALA A 54 -14.18 17.18 -0.76
N GLY A 55 -14.06 18.32 -1.45
CA GLY A 55 -13.12 19.39 -1.09
C GLY A 55 -11.64 19.00 -1.16
N VAL A 56 -11.30 18.08 -2.06
CA VAL A 56 -9.95 17.48 -2.12
C VAL A 56 -9.12 17.88 -3.34
N GLU A 57 -9.69 18.63 -4.28
CA GLU A 57 -8.97 19.03 -5.51
C GLU A 57 -7.51 19.45 -5.27
N HIS A 58 -7.25 20.18 -4.19
CA HIS A 58 -5.88 20.62 -3.85
C HIS A 58 -5.23 19.75 -2.75
N GLN A 59 -5.98 18.77 -2.26
CA GLN A 59 -5.40 17.58 -1.60
C GLN A 59 -4.93 16.52 -2.63
N LEU A 60 -5.69 16.39 -3.72
CA LEU A 60 -5.28 15.55 -4.86
C LEU A 60 -4.03 16.12 -5.52
N ARG A 61 -4.05 17.42 -5.83
CA ARG A 61 -2.91 18.05 -6.51
C ARG A 61 -1.59 17.93 -5.73
N ARG A 62 -1.67 17.92 -4.40
CA ARG A 62 -0.50 17.65 -3.57
C ARG A 62 0.03 16.21 -3.79
N GLU A 63 -0.88 15.23 -3.82
CA GLU A 63 -0.51 13.82 -4.09
C GLU A 63 0.08 13.62 -5.49
N VAL A 64 -0.48 14.31 -6.47
CA VAL A 64 0.09 14.34 -7.83
C VAL A 64 1.54 14.84 -7.81
N GLU A 65 1.77 15.93 -7.08
CA GLU A 65 3.10 16.47 -6.94
C GLU A 65 4.01 15.50 -6.17
N ILE A 66 3.46 14.89 -5.12
CA ILE A 66 4.19 13.85 -4.36
C ILE A 66 4.62 12.71 -5.28
N GLN A 67 3.65 12.08 -5.95
CA GLN A 67 3.93 10.84 -6.70
C GLN A 67 4.81 11.06 -7.91
N SER A 68 4.68 12.21 -8.57
CA SER A 68 5.52 12.53 -9.75
C SER A 68 6.99 12.68 -9.36
N HIS A 69 7.25 13.18 -8.16
CA HIS A 69 8.62 13.39 -7.71
C HIS A 69 9.21 12.20 -6.93
N LEU A 70 8.50 11.06 -6.92
CA LEU A 70 9.07 9.83 -6.37
C LEU A 70 9.57 8.86 -7.48
N ARG A 71 10.87 8.59 -7.48
CA ARG A 71 11.46 7.54 -8.32
C ARG A 71 11.97 6.41 -7.42
N HIS A 72 11.20 5.32 -7.33
CA HIS A 72 11.66 4.15 -6.60
C HIS A 72 11.11 2.89 -7.25
N PRO A 73 11.95 1.85 -7.42
CA PRO A 73 11.46 0.64 -8.09
C PRO A 73 10.20 0.00 -7.49
N ASN A 74 10.04 0.14 -6.18
CA ASN A 74 8.86 -0.39 -5.44
C ASN A 74 7.77 0.66 -5.14
N ILE A 75 7.77 1.76 -5.89
CA ILE A 75 6.70 2.76 -5.80
C ILE A 75 6.12 2.92 -7.19
N LEU A 76 4.79 2.87 -7.29
CA LEU A 76 4.13 2.98 -8.57
C LEU A 76 4.33 4.39 -9.15
N ARG A 77 4.92 4.44 -10.33
CA ARG A 77 5.42 5.69 -10.90
C ARG A 77 4.29 6.49 -11.52
N LEU A 78 4.39 7.83 -11.45
CA LEU A 78 3.42 8.72 -12.12
C LEU A 78 4.16 9.49 -13.20
N TYR A 79 3.85 9.19 -14.46
CA TYR A 79 4.62 9.70 -15.59
C TYR A 79 4.24 11.16 -15.88
N GLY A 80 2.94 11.44 -15.83
CA GLY A 80 2.42 12.75 -16.14
C GLY A 80 0.93 12.78 -15.96
N TYR A 81 0.33 13.91 -16.29
CA TYR A 81 -1.07 14.13 -16.02
C TYR A 81 -1.58 15.30 -16.85
N PHE A 82 -2.87 15.29 -17.14
CA PHE A 82 -3.51 16.40 -17.82
C PHE A 82 -4.99 16.46 -17.46
N HIS A 83 -5.65 17.50 -17.96
CA HIS A 83 -7.08 17.70 -17.73
C HIS A 83 -7.77 18.01 -19.06
N ASP A 84 -9.01 17.58 -19.18
CA ASP A 84 -9.88 18.01 -20.27
C ASP A 84 -10.96 18.93 -19.68
N ALA A 85 -12.10 19.01 -20.36
CA ALA A 85 -13.27 19.74 -19.86
C ALA A 85 -13.59 19.50 -18.39
N THR A 86 -13.78 18.23 -18.02
CA THR A 86 -14.38 17.87 -16.72
C THR A 86 -13.72 16.72 -15.97
N ARG A 87 -12.60 16.19 -16.48
CA ARG A 87 -11.94 15.03 -15.86
C ARG A 87 -10.43 15.28 -15.74
N VAL A 88 -9.85 14.75 -14.66
CA VAL A 88 -8.40 14.71 -14.51
C VAL A 88 -7.92 13.35 -14.97
N TYR A 89 -6.79 13.36 -15.66
CA TYR A 89 -6.17 12.15 -16.20
C TYR A 89 -4.78 11.96 -15.61
N LEU A 90 -4.57 10.83 -14.93
CA LEU A 90 -3.25 10.48 -14.43
C LEU A 90 -2.67 9.38 -15.29
N ILE A 91 -1.46 9.63 -15.78
CA ILE A 91 -0.71 8.67 -16.57
C ILE A 91 0.18 7.88 -15.62
N LEU A 92 -0.10 6.60 -15.45
CA LEU A 92 0.48 5.81 -14.38
C LEU A 92 1.20 4.54 -14.86
N GLU A 93 2.20 4.10 -14.08
CA GLU A 93 2.81 2.82 -14.28
C GLU A 93 1.76 1.75 -14.19
N TYR A 94 1.86 0.78 -15.09
CA TYR A 94 1.02 -0.41 -15.10
C TYR A 94 1.78 -1.52 -14.39
N ALA A 95 1.10 -2.24 -13.51
CA ALA A 95 1.69 -3.36 -12.79
C ALA A 95 1.01 -4.65 -13.29
N PRO A 96 1.72 -5.46 -14.10
CA PRO A 96 1.06 -6.55 -14.82
C PRO A 96 0.49 -7.70 -13.98
N LEU A 97 0.99 -7.89 -12.76
CA LEU A 97 0.62 -9.07 -11.96
C LEU A 97 -0.41 -8.82 -10.88
N GLY A 98 -1.01 -7.63 -10.88
CA GLY A 98 -2.19 -7.34 -10.06
C GLY A 98 -1.88 -7.04 -8.59
N THR A 99 -2.88 -7.20 -7.75
CA THR A 99 -2.77 -6.78 -6.39
C THR A 99 -2.18 -7.91 -5.60
N VAL A 100 -1.37 -7.55 -4.61
CA VAL A 100 -0.89 -8.50 -3.62
C VAL A 100 -2.07 -9.19 -2.94
N TYR A 101 -3.18 -8.48 -2.75
CA TYR A 101 -4.36 -9.08 -2.16
C TYR A 101 -4.82 -10.30 -2.95
N ARG A 102 -4.96 -10.17 -4.28
CA ARG A 102 -5.39 -11.29 -5.13
C ARG A 102 -4.44 -12.47 -4.99
N GLU A 103 -3.15 -12.20 -5.05
CA GLU A 103 -2.16 -13.25 -4.92
C GLU A 103 -2.39 -14.03 -3.62
N LEU A 104 -2.66 -13.30 -2.54
CA LEU A 104 -2.93 -13.88 -1.23
C LEU A 104 -4.26 -14.69 -1.17
N GLN A 105 -5.32 -14.22 -1.82
CA GLN A 105 -6.54 -15.04 -2.03
C GLN A 105 -6.26 -16.41 -2.72
N LYS A 106 -5.38 -16.40 -3.71
CA LYS A 106 -5.07 -17.61 -4.47
C LYS A 106 -4.25 -18.56 -3.62
N LEU A 107 -3.16 -18.06 -3.05
CA LEU A 107 -2.26 -18.90 -2.27
C LEU A 107 -2.69 -19.11 -0.85
N SER A 108 -3.77 -18.45 -0.41
CA SER A 108 -4.23 -18.41 1.03
C SER A 108 -3.28 -17.69 1.96
N LYS A 109 -2.06 -18.22 2.09
CA LYS A 109 -0.99 -17.52 2.81
C LYS A 109 0.30 -17.62 2.06
N PHE A 110 1.21 -16.69 2.34
CA PHE A 110 2.55 -16.70 1.78
C PHE A 110 3.51 -17.40 2.73
N ASP A 111 4.57 -17.95 2.15
CA ASP A 111 5.67 -18.55 2.89
C ASP A 111 6.60 -17.46 3.41
N GLU A 112 7.55 -17.86 4.23
CA GLU A 112 8.47 -16.94 4.88
C GLU A 112 9.36 -16.16 3.91
N GLN A 113 9.73 -16.77 2.80
CA GLN A 113 10.71 -16.15 1.89
C GLN A 113 10.09 -15.02 1.08
N ARG A 114 8.93 -15.26 0.51
CA ARG A 114 8.17 -14.21 -0.17
C ARG A 114 7.74 -13.10 0.82
N THR A 115 7.20 -13.48 1.99
CA THR A 115 6.82 -12.51 3.03
C THR A 115 7.96 -11.55 3.38
N ALA A 116 9.09 -12.10 3.77
CA ALA A 116 10.29 -11.32 4.14
C ALA A 116 10.80 -10.47 3.00
N THR A 117 10.76 -11.02 1.79
CA THR A 117 11.18 -10.27 0.61
C THR A 117 10.25 -9.08 0.38
N TYR A 118 8.93 -9.32 0.39
CA TYR A 118 7.93 -8.23 0.30
C TYR A 118 8.14 -7.15 1.37
N ILE A 119 8.35 -7.60 2.61
CA ILE A 119 8.60 -6.69 3.74
C ILE A 119 9.88 -5.89 3.54
N THR A 120 10.92 -6.52 3.01
CA THR A 120 12.11 -5.77 2.59
C THR A 120 11.75 -4.64 1.61
N GLU A 121 11.02 -4.99 0.55
CA GLU A 121 10.74 -4.02 -0.53
C GLU A 121 9.90 -2.84 -0.05
N LEU A 122 8.85 -3.14 0.71
CA LEU A 122 8.06 -2.12 1.42
C LEU A 122 8.92 -1.24 2.32
N ALA A 123 9.73 -1.85 3.16
CA ALA A 123 10.57 -1.09 4.10
C ALA A 123 11.48 -0.12 3.36
N ASN A 124 12.08 -0.57 2.24
CA ASN A 124 12.94 0.29 1.40
C ASN A 124 12.15 1.45 0.86
N ALA A 125 11.02 1.12 0.23
CA ALA A 125 10.15 2.13 -0.34
C ALA A 125 9.69 3.13 0.73
N LEU A 126 9.37 2.62 1.91
CA LEU A 126 8.90 3.48 2.98
C LEU A 126 10.01 4.32 3.56
N SER A 127 11.22 3.76 3.60
CA SER A 127 12.37 4.52 4.09
C SER A 127 12.64 5.67 3.17
N TYR A 128 12.59 5.39 1.88
CA TYR A 128 12.71 6.39 0.85
C TYR A 128 11.60 7.47 1.00
N CYS A 129 10.36 7.03 1.17
CA CYS A 129 9.25 7.95 1.40
C CYS A 129 9.53 8.85 2.58
N HIS A 130 9.95 8.24 3.69
CA HIS A 130 10.26 9.03 4.90
C HIS A 130 11.39 10.02 4.65
N SER A 131 12.35 9.65 3.79
CA SER A 131 13.46 10.56 3.42
C SER A 131 12.99 11.77 2.63
N LYS A 132 11.94 11.60 1.84
CA LYS A 132 11.37 12.72 1.06
C LYS A 132 10.28 13.48 1.84
N ARG A 133 10.24 13.31 3.16
CA ARG A 133 9.26 13.95 4.03
C ARG A 133 7.81 13.44 3.79
N VAL A 134 7.67 12.22 3.25
CA VAL A 134 6.37 11.55 3.06
C VAL A 134 6.19 10.49 4.16
N ILE A 135 5.50 10.88 5.23
CA ILE A 135 5.57 10.16 6.52
C ILE A 135 4.59 9.01 6.64
N HIS A 136 3.63 8.92 5.70
CA HIS A 136 2.63 7.85 5.71
C HIS A 136 2.22 7.49 4.29
N ARG A 137 2.14 6.18 4.02
CA ARG A 137 1.46 5.64 2.83
C ARG A 137 0.51 4.54 3.28
N ASP A 138 -0.64 4.43 2.63
CA ASP A 138 -1.45 3.23 2.82
C ASP A 138 -0.82 2.04 2.10
N ILE A 139 -0.72 0.92 2.81
CA ILE A 139 -0.14 -0.29 2.27
C ILE A 139 -0.95 -1.56 2.62
N LYS A 140 -2.26 -1.46 2.67
CA LYS A 140 -3.07 -2.66 2.69
C LYS A 140 -2.80 -3.45 1.41
N PRO A 141 -2.94 -4.79 1.46
CA PRO A 141 -2.64 -5.65 0.30
C PRO A 141 -3.37 -5.29 -1.01
N GLU A 142 -4.57 -4.75 -0.91
CA GLU A 142 -5.37 -4.28 -2.07
C GLU A 142 -4.74 -3.08 -2.77
N ASN A 143 -3.90 -2.35 -2.05
CA ASN A 143 -3.28 -1.14 -2.57
C ASN A 143 -1.83 -1.37 -2.93
N LEU A 144 -1.37 -2.60 -2.82
CA LEU A 144 -0.02 -2.96 -3.23
C LEU A 144 -0.10 -3.77 -4.53
N LEU A 145 0.67 -3.37 -5.54
CA LEU A 145 0.62 -4.00 -6.84
C LEU A 145 1.89 -4.79 -7.03
N LEU A 146 1.90 -5.64 -8.07
CA LEU A 146 3.05 -6.47 -8.39
C LEU A 146 3.51 -6.18 -9.82
N GLY A 147 4.80 -5.86 -9.98
CA GLY A 147 5.39 -5.63 -11.29
C GLY A 147 5.60 -6.92 -12.03
N SER A 148 6.14 -6.83 -13.25
CA SER A 148 6.31 -8.02 -14.15
C SER A 148 7.22 -9.10 -13.59
N ALA A 149 8.17 -8.70 -12.75
CA ALA A 149 9.05 -9.62 -12.00
C ALA A 149 8.50 -10.07 -10.61
N GLY A 150 7.27 -9.70 -10.28
CA GLY A 150 6.70 -9.98 -8.96
C GLY A 150 7.14 -9.01 -7.86
N GLU A 151 7.80 -7.91 -8.24
CA GLU A 151 8.28 -6.92 -7.28
C GLU A 151 7.13 -6.02 -6.85
N LEU A 152 7.13 -5.68 -5.57
CA LEU A 152 5.98 -5.07 -4.93
C LEU A 152 5.95 -3.56 -5.21
N LYS A 153 4.76 -3.00 -5.38
CA LYS A 153 4.60 -1.58 -5.74
C LYS A 153 3.60 -0.90 -4.81
N ILE A 154 4.04 0.14 -4.11
CA ILE A 154 3.12 1.03 -3.40
C ILE A 154 2.40 1.91 -4.40
N ALA A 155 1.10 1.73 -4.50
CA ALA A 155 0.29 2.42 -5.50
C ALA A 155 -0.55 3.56 -4.95
N ASP A 156 -0.74 3.61 -3.63
CA ASP A 156 -1.79 4.48 -3.06
C ASP A 156 -1.31 5.91 -2.92
N PHE A 157 -1.74 6.75 -3.85
CA PHE A 157 -1.52 8.18 -3.74
C PHE A 157 -2.85 8.88 -3.79
N GLY A 158 -3.78 8.35 -3.01
CA GLY A 158 -5.13 8.87 -2.97
C GLY A 158 -6.09 8.14 -3.89
N TRP A 159 -7.29 7.89 -3.36
CA TRP A 159 -8.50 7.67 -4.15
C TRP A 159 -8.37 6.35 -4.90
N SER A 160 -8.24 5.29 -4.10
CA SER A 160 -7.89 3.94 -4.58
C SER A 160 -9.05 3.30 -5.34
N VAL A 161 -8.86 2.05 -5.78
CA VAL A 161 -9.80 1.40 -6.70
C VAL A 161 -10.16 -0.03 -6.25
N HIS A 162 -10.78 -0.11 -5.06
CA HIS A 162 -11.14 -1.39 -4.41
C HIS A 162 -12.26 -1.18 -3.36
N LEU A 171 -13.57 -8.27 6.10
CA LEU A 171 -14.89 -8.23 6.73
C LEU A 171 -15.08 -6.94 7.53
N CYS A 172 -14.10 -6.63 8.36
CA CYS A 172 -13.99 -5.33 9.05
C CYS A 172 -12.78 -4.58 8.52
N GLY A 173 -12.57 -4.67 7.21
CA GLY A 173 -11.27 -4.41 6.58
C GLY A 173 -10.74 -3.00 6.72
N THR A 174 -11.67 -2.05 6.86
CA THR A 174 -11.34 -0.63 7.03
C THR A 174 -10.49 -0.40 8.31
N LEU A 175 -11.02 -0.83 9.45
CA LEU A 175 -10.27 -0.79 10.73
C LEU A 175 -8.98 -1.58 10.79
N ASP A 176 -8.92 -2.64 10.01
CA ASP A 176 -8.00 -3.75 10.29
C ASP A 176 -6.53 -3.38 10.30
N TYR A 177 -6.12 -2.38 9.54
CA TYR A 177 -4.70 -2.00 9.45
C TYR A 177 -4.41 -0.65 10.14
N LEU A 178 -5.44 -0.05 10.72
CA LEU A 178 -5.32 1.22 11.40
C LEU A 178 -4.73 1.02 12.78
N PRO A 179 -3.70 1.81 13.12
CA PRO A 179 -3.07 1.69 14.46
C PRO A 179 -3.90 2.40 15.55
N PRO A 180 -3.76 1.98 16.82
CA PRO A 180 -4.54 2.55 17.91
C PRO A 180 -4.60 4.08 17.89
N GLU A 181 -3.49 4.75 17.61
CA GLU A 181 -3.45 6.21 17.71
C GLU A 181 -4.39 6.87 16.72
N MET A 182 -4.61 6.24 15.56
CA MET A 182 -5.55 6.77 14.58
C MET A 182 -6.99 6.44 14.95
N ILE A 183 -7.29 5.18 15.24
CA ILE A 183 -8.68 4.82 15.58
C ILE A 183 -9.09 5.68 16.78
N GLU A 184 -8.14 5.91 17.70
CA GLU A 184 -8.38 6.72 18.93
C GLU A 184 -8.36 8.23 18.71
N GLY A 185 -8.13 8.69 17.48
CA GLY A 185 -8.14 10.12 17.15
C GLY A 185 -7.10 10.94 17.90
N ARG A 186 -5.93 10.34 18.15
CA ARG A 186 -4.77 11.07 18.70
C ARG A 186 -3.86 11.50 17.55
N MET A 187 -2.76 12.17 17.86
CA MET A 187 -1.81 12.60 16.85
C MET A 187 -1.07 11.37 16.32
N HIS A 188 -0.75 11.36 15.02
CA HIS A 188 -0.13 10.19 14.38
C HIS A 188 1.16 10.53 13.57
N ASP A 189 2.15 9.65 13.68
CA ASP A 189 3.54 9.90 13.24
C ASP A 189 3.89 9.16 11.93
N GLU A 190 5.16 9.27 11.58
CA GLU A 190 5.86 8.30 10.74
C GLU A 190 5.87 6.86 11.29
N LYS A 191 5.54 6.68 12.56
CA LYS A 191 5.49 5.35 13.17
C LYS A 191 4.26 4.54 12.78
N VAL A 192 3.26 5.19 12.20
CA VAL A 192 2.10 4.49 11.66
C VAL A 192 2.53 3.44 10.63
N ASP A 193 3.43 3.81 9.72
CA ASP A 193 3.90 2.86 8.71
C ASP A 193 4.48 1.59 9.32
N LEU A 194 5.10 1.69 10.49
CA LEU A 194 5.63 0.51 11.18
C LEU A 194 4.53 -0.43 11.66
N TRP A 195 3.43 0.12 12.19
CA TRP A 195 2.27 -0.67 12.58
C TRP A 195 1.72 -1.40 11.35
N SER A 196 1.50 -0.67 10.27
CA SER A 196 1.06 -1.28 9.01
C SER A 196 1.94 -2.50 8.63
N LEU A 197 3.27 -2.33 8.63
CA LEU A 197 4.18 -3.44 8.34
C LEU A 197 3.94 -4.64 9.24
N GLY A 198 3.76 -4.36 10.51
CA GLY A 198 3.42 -5.38 11.47
C GLY A 198 2.17 -6.12 11.03
N VAL A 199 1.15 -5.37 10.62
CA VAL A 199 -0.11 -5.99 10.23
C VAL A 199 0.07 -6.81 8.96
N LEU A 200 0.73 -6.24 7.95
CA LEU A 200 0.96 -6.95 6.69
C LEU A 200 1.67 -8.27 6.90
N CYS A 201 2.75 -8.22 7.66
CA CYS A 201 3.63 -9.37 7.82
C CYS A 201 2.85 -10.49 8.43
N TYR A 202 2.01 -10.16 9.39
CA TYR A 202 1.13 -11.15 9.96
C TYR A 202 0.18 -11.70 8.90
N GLU A 203 -0.40 -10.82 8.10
CA GLU A 203 -1.39 -11.25 7.12
C GLU A 203 -0.82 -12.15 6.02
N PHE A 204 0.37 -11.79 5.55
CA PHE A 204 1.09 -12.59 4.59
C PHE A 204 1.28 -14.00 5.11
N LEU A 205 1.79 -14.13 6.34
CA LEU A 205 2.10 -15.45 6.90
C LEU A 205 0.86 -16.24 7.26
N VAL A 206 -0.18 -15.55 7.72
CA VAL A 206 -1.35 -16.23 8.30
C VAL A 206 -2.53 -16.30 7.33
N GLY A 207 -2.66 -15.32 6.46
CA GLY A 207 -3.78 -15.23 5.53
C GLY A 207 -4.96 -14.44 6.07
N LYS A 208 -4.78 -13.86 7.24
CA LYS A 208 -5.80 -13.05 7.92
C LYS A 208 -5.04 -11.98 8.64
N PRO A 209 -5.60 -10.79 8.75
CA PRO A 209 -4.94 -9.83 9.60
C PRO A 209 -5.16 -10.15 11.09
N PRO A 210 -4.27 -9.64 11.99
CA PRO A 210 -4.19 -10.03 13.40
C PRO A 210 -5.38 -9.69 14.26
N PHE A 211 -6.16 -8.67 13.92
CA PHE A 211 -7.27 -8.21 14.77
C PHE A 211 -8.64 -8.45 14.20
N GLU A 212 -8.73 -9.33 13.22
CA GLU A 212 -9.98 -9.56 12.55
C GLU A 212 -11.03 -10.03 13.54
N ALA A 213 -12.24 -9.51 13.38
CA ALA A 213 -13.36 -9.92 14.18
C ALA A 213 -14.65 -9.69 13.41
N ASN A 214 -15.73 -10.26 13.93
CA ASN A 214 -17.03 -10.19 13.26
C ASN A 214 -17.71 -8.79 13.37
N THR A 215 -17.26 -7.96 14.32
CA THR A 215 -17.79 -6.61 14.52
C THR A 215 -16.66 -5.59 14.60
N TYR A 216 -16.91 -4.36 14.13
CA TYR A 216 -15.98 -3.23 14.28
C TYR A 216 -15.58 -3.04 15.73
N GLN A 217 -16.57 -3.16 16.61
CA GLN A 217 -16.40 -2.93 18.05
CA GLN A 217 -16.36 -2.91 18.04
C GLN A 217 -15.32 -3.89 18.61
N GLU A 218 -15.47 -5.17 18.30
CA GLU A 218 -14.48 -6.18 18.70
C GLU A 218 -13.08 -5.94 18.09
N THR A 219 -13.02 -5.63 16.80
CA THR A 219 -11.77 -5.30 16.15
C THR A 219 -11.10 -4.13 16.84
N TYR A 220 -11.86 -3.08 17.16
CA TYR A 220 -11.32 -1.95 17.90
C TYR A 220 -10.73 -2.40 19.20
N LYS A 221 -11.51 -3.11 19.99
CA LYS A 221 -11.08 -3.65 21.26
C LYS A 221 -9.72 -4.33 21.14
N ARG A 222 -9.55 -5.15 20.11
CA ARG A 222 -8.31 -5.91 19.98
C ARG A 222 -7.15 -5.05 19.53
N ILE A 223 -7.40 -4.14 18.59
CA ILE A 223 -6.37 -3.21 18.12
C ILE A 223 -5.92 -2.38 19.32
N SER A 224 -6.91 -1.77 19.94
CA SER A 224 -6.71 -0.85 21.07
C SER A 224 -5.88 -1.45 22.21
N ARG A 225 -6.17 -2.70 22.54
CA ARG A 225 -5.47 -3.39 23.61
C ARG A 225 -4.36 -4.27 23.07
N VAL A 226 -4.14 -4.23 21.75
CA VAL A 226 -3.11 -4.98 21.08
C VAL A 226 -3.22 -6.46 21.38
N GLU A 227 -4.41 -6.99 21.22
CA GLU A 227 -4.63 -8.39 21.53
C GLU A 227 -4.69 -9.25 20.29
N PHE A 228 -3.71 -10.12 20.15
CA PHE A 228 -3.66 -11.05 19.03
C PHE A 228 -2.80 -12.22 19.39
N THR A 229 -2.96 -13.29 18.61
CA THR A 229 -2.18 -14.52 18.79
C THR A 229 -1.73 -15.05 17.45
N PHE A 230 -0.79 -16.00 17.50
CA PHE A 230 -0.20 -16.61 16.32
C PHE A 230 -0.63 -18.07 16.23
N PRO A 231 -0.92 -18.58 15.01
CA PRO A 231 -1.05 -20.03 14.82
C PRO A 231 0.29 -20.73 15.07
N ASP A 232 0.23 -22.03 15.39
CA ASP A 232 1.45 -22.81 15.72
C ASP A 232 2.60 -22.66 14.70
N PHE A 233 2.26 -22.66 13.41
CA PHE A 233 3.25 -22.70 12.37
C PHE A 233 4.13 -21.45 12.20
N VAL A 234 3.82 -20.36 12.90
CA VAL A 234 4.58 -19.11 12.75
C VAL A 234 5.82 -19.19 13.63
N THR A 235 6.97 -18.91 13.04
CA THR A 235 8.28 -19.18 13.69
C THR A 235 8.62 -18.07 14.66
N GLU A 236 9.52 -18.34 15.60
CA GLU A 236 9.81 -17.36 16.64
C GLU A 236 10.38 -16.03 16.09
N GLY A 237 11.08 -16.09 14.97
CA GLY A 237 11.64 -14.87 14.38
C GLY A 237 10.59 -13.96 13.77
N ALA A 238 9.69 -14.57 13.02
CA ALA A 238 8.52 -13.87 12.51
C ALA A 238 7.75 -13.26 13.68
N ARG A 239 7.45 -14.08 14.69
CA ARG A 239 6.78 -13.62 15.92
C ARG A 239 7.49 -12.44 16.56
N ASP A 240 8.81 -12.46 16.56
CA ASP A 240 9.61 -11.36 17.12
C ASP A 240 9.48 -10.09 16.31
N LEU A 241 9.58 -10.19 14.98
CA LEU A 241 9.45 -8.99 14.16
C LEU A 241 8.04 -8.39 14.33
N ILE A 242 7.02 -9.22 14.31
CA ILE A 242 5.67 -8.72 14.35
C ILE A 242 5.38 -8.12 15.71
N SER A 243 5.80 -8.80 16.77
CA SER A 243 5.60 -8.28 18.12
C SER A 243 6.35 -6.98 18.33
N ARG A 244 7.50 -6.82 17.67
CA ARG A 244 8.24 -5.56 17.73
C ARG A 244 7.47 -4.41 17.06
N LEU A 245 6.77 -4.72 15.99
CA LEU A 245 6.06 -3.70 15.20
C LEU A 245 4.69 -3.35 15.78
N LEU A 246 3.97 -4.35 16.29
CA LEU A 246 2.64 -4.12 16.87
C LEU A 246 2.75 -3.69 18.34
N LYS A 247 3.18 -2.44 18.55
CA LYS A 247 3.27 -1.81 19.88
C LYS A 247 2.24 -0.71 19.98
N HIS A 248 1.52 -0.66 21.10
CA HIS A 248 0.49 0.33 21.27
C HIS A 248 1.06 1.73 21.12
N ASN A 249 2.19 1.99 21.75
CA ASN A 249 2.69 3.34 21.75
C ASN A 249 3.80 3.47 20.68
N PRO A 250 3.68 4.45 19.78
CA PRO A 250 4.42 4.43 18.54
C PRO A 250 5.92 4.63 18.69
N SER A 251 6.36 5.32 19.73
CA SER A 251 7.79 5.54 19.93
C SER A 251 8.56 4.25 20.29
N GLN A 252 7.86 3.22 20.76
CA GLN A 252 8.47 1.89 20.97
C GLN A 252 8.61 1.08 19.68
N ARG A 253 7.99 1.54 18.60
CA ARG A 253 8.11 0.82 17.35
C ARG A 253 9.51 1.04 16.79
N PRO A 254 10.14 -0.01 16.22
CA PRO A 254 11.47 0.11 15.65
C PRO A 254 11.53 1.03 14.46
N MET A 255 12.76 1.39 14.09
CA MET A 255 13.01 2.25 12.97
C MET A 255 12.97 1.34 11.76
N LEU A 256 12.72 1.91 10.59
CA LEU A 256 12.64 1.12 9.37
C LEU A 256 13.91 0.28 9.11
N ARG A 257 15.09 0.86 9.37
CA ARG A 257 16.35 0.10 9.20
C ARG A 257 16.58 -1.04 10.21
N GLU A 258 15.94 -0.98 11.38
CA GLU A 258 15.90 -2.15 12.30
C GLU A 258 15.09 -3.32 11.69
N VAL A 259 14.09 -2.98 10.85
CA VAL A 259 13.32 -4.00 10.11
C VAL A 259 14.14 -4.62 8.97
N LEU A 260 14.78 -3.77 8.17
CA LEU A 260 15.61 -4.23 7.07
C LEU A 260 16.76 -5.12 7.57
N GLU A 261 17.22 -4.88 8.80
CA GLU A 261 18.35 -5.62 9.39
C GLU A 261 17.93 -6.62 10.49
N HIS A 262 16.64 -6.96 10.56
CA HIS A 262 16.15 -7.96 11.53
C HIS A 262 16.62 -9.37 11.09
N PRO A 263 17.10 -10.20 12.05
CA PRO A 263 17.56 -11.58 11.79
C PRO A 263 16.65 -12.42 10.90
N TRP A 264 15.34 -12.33 11.12
CA TRP A 264 14.37 -13.08 10.31
C TRP A 264 14.27 -12.55 8.87
N ILE A 265 14.40 -11.23 8.69
CA ILE A 265 14.31 -10.62 7.36
C ILE A 265 15.52 -10.95 6.52
N THR A 266 16.70 -10.76 7.08
CA THR A 266 17.93 -11.01 6.35
C THR A 266 18.05 -12.50 6.00
N ALA A 267 17.77 -13.36 6.99
CA ALA A 267 17.72 -14.82 6.79
C ALA A 267 16.80 -15.26 5.66
N ASN A 268 15.63 -14.63 5.53
CA ASN A 268 14.61 -15.14 4.62
C ASN A 268 14.41 -14.39 3.30
N SER A 269 14.84 -13.13 3.21
CA SER A 269 14.56 -12.33 2.00
C SER A 269 15.65 -12.49 0.94
N SER A 270 15.27 -12.18 -0.29
CA SER A 270 16.19 -12.19 -1.44
C SER A 270 16.80 -10.81 -1.67
N LYS A 271 15.97 -9.77 -1.67
CA LYS A 271 16.44 -8.39 -1.94
C LYS A 271 17.34 -7.89 -0.80
N PRO A 272 18.64 -7.61 -1.11
CA PRO A 272 19.69 -7.44 -0.06
C PRO A 272 19.49 -6.23 0.87
N SER A 273 20.28 -6.17 1.95
CA SER A 273 20.23 -5.05 2.92
C SER A 273 21.42 -5.10 3.87
C4 9YQ B . -4.69 0.29 -9.15
C5 9YQ B . -6.25 -0.76 -10.78
C6 9YQ B . -3.83 -0.58 -11.19
N1 9YQ B . -3.79 -1.86 -11.59
C7 9YQ B . -2.70 -2.27 -12.23
C8 9YQ B . -3.56 -4.67 -12.59
N2 9YQ B . -2.64 -3.58 -12.67
C9 9YQ B . -3.24 -5.88 -13.19
C10 9YQ B . -4.10 -6.96 -13.10
C11 9YQ B . -5.32 -6.83 -12.43
C12 9YQ B . -6.49 -8.94 -13.09
N3 9YQ B . -6.23 -7.90 -12.25
C13 9YQ B . -7.27 -10.06 -12.50
C14 9YQ B . -6.78 -10.70 -11.36
C15 9YQ B . -7.52 -11.67 -10.72
N4 9YQ B . -9.60 -12.99 -10.54
O2 9YQ B . -3.08 3.46 -9.74
C27 9YQ B . -3.21 2.26 -9.93
C3 9YQ B . -3.88 1.42 -8.89
C2 9YQ B . -3.70 1.81 -7.56
N6 9YQ B . -2.73 1.69 -11.09
C26 9YQ B . -2.13 2.64 -12.04
C25 9YQ B . -2.74 0.31 -11.42
N 9YQ B . -4.96 -0.13 -10.49
C28 9YQ B . -5.23 -0.42 -8.09
C29 9YQ B . -5.03 0.00 -6.79
C1 9YQ B . -4.27 1.13 -6.50
C 9YQ B . -4.13 1.63 -5.09
C24 9YQ B . -1.65 -0.26 -12.08
N5 9YQ B . -1.60 -1.53 -12.50
C23 9YQ B . -4.77 -4.54 -11.92
C22 9YQ B . -5.65 -5.61 -11.85
O1 9YQ B . -6.12 -8.96 -14.27
C21 9YQ B . -8.51 -10.46 -13.00
C20 9YQ B . -9.25 -11.44 -12.38
C16 9YQ B . -8.77 -12.04 -11.21
C17 9YQ B . -9.34 -13.67 -9.39
O 9YQ B . -8.21 -13.95 -8.99
C18 9YQ B . -10.58 -14.04 -8.62
C19 9YQ B . -11.03 -15.48 -8.87
#